data_5G5E
#
_entry.id   5G5E
#
_cell.length_a   88.162
_cell.length_b   49.414
_cell.length_c   53.348
_cell.angle_alpha   90.00
_cell.angle_beta   103.17
_cell.angle_gamma   90.00
#
_symmetry.space_group_name_H-M   'C 1 2 1'
#
loop_
_entity.id
_entity.type
_entity.pdbx_description
1 polymer 'TAU CLASS GLUTATHIONE S-TRANSFERASE'
2 non-polymer 'ACETATE ION'
3 non-polymer DI(HYDROXYETHYL)ETHER
4 water water
#
_entity_poly.entity_id   1
_entity_poly.type   'polypeptide(L)'
_entity_poly.pdbx_seq_one_letter_code
;MAKSDVKLLGAWPSPYVMRARITLNVKSVDYELLEETLGSKSDLLLKSNPVHKKIPVLIHNDKPICESLIIVHYIDEFWS
SGPSILPSDPYDRAIARFWAAYLDEKWYPSLKGIASAQGEEAKKAAVDQVGESLALIEDTYVKLSKGKPFFGGEKIGYLD
IAFGCFLGWLRVTEKTSGVKFLNEAKTPHLAKWAVRFCADPAVKDVMPETEKLAEFAKLLAKFRAGPPK
;
_entity_poly.pdbx_strand_id   A
#
# COMPACT_ATOMS: atom_id res chain seq x y z
N ALA A 2 -20.07 -7.79 -4.83
CA ALA A 2 -21.23 -7.28 -4.09
C ALA A 2 -21.05 -7.54 -2.61
N LYS A 3 -21.86 -6.90 -1.77
CA LYS A 3 -21.74 -7.11 -0.33
C LYS A 3 -22.13 -8.53 0.08
N SER A 4 -22.95 -9.16 -0.75
CA SER A 4 -23.39 -10.53 -0.48
C SER A 4 -22.29 -11.57 -0.72
N ASP A 5 -21.39 -11.30 -1.67
N ASP A 5 -21.40 -11.30 -1.68
CA ASP A 5 -20.44 -12.32 -2.07
CA ASP A 5 -20.42 -12.31 -2.07
C ASP A 5 -18.98 -11.91 -1.91
C ASP A 5 -18.99 -11.95 -1.72
N VAL A 6 -18.72 -10.66 -1.52
CA VAL A 6 -17.35 -10.21 -1.29
C VAL A 6 -17.23 -9.52 0.07
N LYS A 7 -16.45 -10.12 0.96
CA LYS A 7 -16.20 -9.53 2.26
C LYS A 7 -14.69 -9.32 2.43
N LEU A 8 -14.34 -8.27 3.16
CA LEU A 8 -12.94 -7.99 3.39
C LEU A 8 -12.72 -7.81 4.88
N LEU A 9 -11.88 -8.65 5.46
CA LEU A 9 -11.48 -8.46 6.86
C LEU A 9 -10.39 -7.42 6.83
N GLY A 10 -10.62 -6.30 7.50
CA GLY A 10 -9.70 -5.18 7.37
C GLY A 10 -9.52 -4.39 8.65
N ALA A 11 -9.01 -3.18 8.47
CA ALA A 11 -8.79 -2.20 9.53
C ALA A 11 -8.35 -0.93 8.84
N TRP A 12 -9.02 0.17 9.13
CA TRP A 12 -8.79 1.38 8.36
C TRP A 12 -7.34 1.90 8.34
N PRO A 13 -6.54 1.69 9.42
CA PRO A 13 -5.16 2.18 9.32
C PRO A 13 -4.21 1.33 8.47
N SER A 14 -4.61 0.12 8.10
CA SER A 14 -3.68 -0.80 7.48
C SER A 14 -3.36 -0.45 6.03
N PRO A 15 -2.06 -0.28 5.71
CA PRO A 15 -1.71 -0.07 4.29
C PRO A 15 -1.97 -1.33 3.47
N TYR A 16 -1.79 -2.50 4.07
CA TYR A 16 -2.01 -3.75 3.33
C TYR A 16 -3.45 -3.94 2.95
N VAL A 17 -4.34 -3.62 3.89
CA VAL A 17 -5.77 -3.71 3.59
C VAL A 17 -6.15 -2.72 2.50
N MET A 18 -5.58 -1.52 2.57
CA MET A 18 -5.89 -0.50 1.57
C MET A 18 -5.64 -0.99 0.14
N ARG A 19 -4.60 -1.80 -0.05
CA ARG A 19 -4.35 -2.38 -1.38
C ARG A 19 -5.58 -3.10 -1.91
N ALA A 20 -6.22 -3.90 -1.05
CA ALA A 20 -7.39 -4.66 -1.49
C ALA A 20 -8.56 -3.75 -1.82
N ARG A 21 -8.76 -2.71 -1.00
CA ARG A 21 -9.86 -1.78 -1.20
C ARG A 21 -9.70 -1.01 -2.50
N ILE A 22 -8.51 -0.46 -2.75
CA ILE A 22 -8.26 0.28 -3.97
C ILE A 22 -8.56 -0.59 -5.20
N THR A 23 -8.16 -1.86 -5.13
CA THR A 23 -8.23 -2.72 -6.30
C THR A 23 -9.70 -3.07 -6.57
N LEU A 24 -10.45 -3.37 -5.51
CA LEU A 24 -11.89 -3.59 -5.65
C LEU A 24 -12.57 -2.37 -6.24
N ASN A 25 -12.18 -1.17 -5.80
CA ASN A 25 -12.74 0.07 -6.34
C ASN A 25 -12.49 0.22 -7.83
N VAL A 26 -11.26 -0.06 -8.24
CA VAL A 26 -10.91 0.03 -9.66
C VAL A 26 -11.82 -0.87 -10.49
N LYS A 27 -12.07 -2.06 -9.97
CA LYS A 27 -12.89 -3.05 -10.65
C LYS A 27 -14.41 -2.81 -10.49
N SER A 28 -14.76 -1.74 -9.79
CA SER A 28 -16.17 -1.43 -9.48
C SER A 28 -16.88 -2.58 -8.77
N VAL A 29 -16.16 -3.24 -7.89
CA VAL A 29 -16.69 -4.37 -7.12
C VAL A 29 -17.09 -3.90 -5.73
N ASP A 30 -18.37 -3.95 -5.41
CA ASP A 30 -18.81 -3.59 -4.07
C ASP A 30 -18.50 -4.75 -3.12
N TYR A 31 -18.36 -4.45 -1.83
CA TYR A 31 -17.92 -5.44 -0.86
C TYR A 31 -18.27 -4.96 0.55
N GLU A 32 -18.37 -5.87 1.50
CA GLU A 32 -18.53 -5.42 2.87
C GLU A 32 -17.17 -5.47 3.56
N LEU A 33 -16.91 -4.48 4.40
N LEU A 33 -16.91 -4.46 4.38
CA LEU A 33 -15.65 -4.41 5.12
CA LEU A 33 -15.69 -4.36 5.16
C LEU A 33 -15.88 -4.60 6.62
C LEU A 33 -16.01 -4.69 6.61
N LEU A 34 -15.21 -5.58 7.20
CA LEU A 34 -15.34 -5.89 8.63
C LEU A 34 -14.07 -5.49 9.36
N GLU A 35 -14.19 -4.52 10.28
CA GLU A 35 -13.03 -3.94 10.99
C GLU A 35 -12.53 -4.78 12.15
N GLU A 36 -11.22 -4.98 12.20
CA GLU A 36 -10.58 -5.57 13.36
C GLU A 36 -10.36 -4.51 14.45
N THR A 37 -10.43 -4.93 15.70
CA THR A 37 -10.24 -3.99 16.81
C THR A 37 -8.82 -4.10 17.36
N LEU A 38 -8.30 -2.97 17.83
CA LEU A 38 -6.92 -2.90 18.29
C LEU A 38 -6.64 -3.87 19.45
N GLY A 39 -5.52 -4.58 19.34
CA GLY A 39 -5.02 -5.39 20.44
C GLY A 39 -5.62 -6.78 20.55
N SER A 40 -6.55 -7.10 19.66
CA SER A 40 -7.14 -8.43 19.64
C SER A 40 -7.48 -8.82 18.22
N LYS A 41 -7.39 -10.11 17.94
CA LYS A 41 -7.82 -10.61 16.66
C LYS A 41 -9.19 -11.23 16.83
N SER A 42 -10.13 -10.88 15.96
CA SER A 42 -11.48 -11.40 16.05
C SER A 42 -11.50 -12.90 15.79
N ASP A 43 -12.50 -13.57 16.33
CA ASP A 43 -12.64 -15.00 16.08
C ASP A 43 -12.83 -15.28 14.58
N LEU A 44 -13.45 -14.34 13.87
CA LEU A 44 -13.63 -14.51 12.43
C LEU A 44 -12.28 -14.43 11.68
N LEU A 45 -11.41 -13.53 12.11
CA LEU A 45 -10.08 -13.43 11.51
C LEU A 45 -9.29 -14.71 11.79
N LEU A 46 -9.35 -15.18 13.03
CA LEU A 46 -8.57 -16.36 13.42
C LEU A 46 -8.99 -17.59 12.62
N LYS A 47 -10.28 -17.65 12.29
CA LYS A 47 -10.85 -18.75 11.53
C LYS A 47 -10.54 -18.63 10.03
N SER A 48 -10.50 -17.39 9.54
CA SER A 48 -10.35 -17.15 8.09
C SER A 48 -8.88 -17.14 7.63
N ASN A 49 -7.96 -16.81 8.53
CA ASN A 49 -6.53 -16.85 8.25
C ASN A 49 -5.79 -17.57 9.39
N PRO A 50 -6.00 -18.89 9.51
CA PRO A 50 -5.36 -19.59 10.62
C PRO A 50 -3.83 -19.62 10.53
N VAL A 51 -3.28 -19.53 9.33
CA VAL A 51 -1.85 -19.67 9.14
C VAL A 51 -1.11 -18.42 9.64
N HIS A 52 -1.58 -17.25 9.22
CA HIS A 52 -0.88 -16.00 9.53
C HIS A 52 -1.62 -15.14 10.55
N LYS A 53 -2.94 -15.31 10.62
CA LYS A 53 -3.76 -14.49 11.51
C LYS A 53 -3.60 -13.00 11.22
N LYS A 54 -3.41 -12.67 9.94
CA LYS A 54 -3.26 -11.28 9.51
C LYS A 54 -4.40 -10.78 8.63
N ILE A 55 -4.61 -9.46 8.65
CA ILE A 55 -5.44 -8.81 7.64
C ILE A 55 -4.53 -8.23 6.56
N PRO A 56 -5.07 -8.03 5.34
CA PRO A 56 -6.43 -8.32 4.88
C PRO A 56 -6.71 -9.79 4.66
N VAL A 57 -7.99 -10.14 4.71
CA VAL A 57 -8.47 -11.40 4.17
C VAL A 57 -9.65 -11.09 3.27
N LEU A 58 -9.56 -11.50 2.02
CA LEU A 58 -10.69 -11.40 1.10
C LEU A 58 -11.50 -12.69 1.19
N ILE A 59 -12.79 -12.58 1.50
CA ILE A 59 -13.64 -13.77 1.52
C ILE A 59 -14.62 -13.63 0.36
N HIS A 60 -14.35 -14.38 -0.70
CA HIS A 60 -15.11 -14.30 -1.93
C HIS A 60 -15.92 -15.58 -2.09
N ASN A 61 -17.24 -15.46 -2.06
CA ASN A 61 -18.12 -16.62 -2.11
C ASN A 61 -17.74 -17.61 -1.03
N ASP A 62 -17.49 -17.07 0.16
CA ASP A 62 -17.15 -17.86 1.34
C ASP A 62 -15.82 -18.61 1.26
N LYS A 63 -14.95 -18.25 0.32
CA LYS A 63 -13.59 -18.78 0.30
C LYS A 63 -12.59 -17.67 0.65
N PRO A 64 -11.80 -17.87 1.72
CA PRO A 64 -10.81 -16.86 2.13
C PRO A 64 -9.55 -16.89 1.26
N ILE A 65 -9.05 -15.70 0.93
CA ILE A 65 -7.78 -15.52 0.23
C ILE A 65 -6.95 -14.57 1.07
N CYS A 66 -5.70 -14.91 1.34
CA CYS A 66 -4.85 -14.13 2.24
C CYS A 66 -3.62 -13.59 1.53
N GLU A 67 -3.00 -12.57 2.15
CA GLU A 67 -1.78 -11.86 1.71
C GLU A 67 -2.15 -10.81 0.66
N SER A 68 -1.97 -9.54 1.01
CA SER A 68 -2.46 -8.42 0.20
C SER A 68 -2.03 -8.48 -1.26
N LEU A 69 -0.79 -8.83 -1.55
CA LEU A 69 -0.36 -8.82 -2.95
C LEU A 69 -0.98 -9.97 -3.75
N ILE A 70 -1.20 -11.10 -3.09
CA ILE A 70 -1.89 -12.22 -3.71
C ILE A 70 -3.37 -11.87 -3.92
N ILE A 71 -3.95 -11.17 -2.96
CA ILE A 71 -5.34 -10.71 -3.05
C ILE A 71 -5.47 -9.75 -4.24
N VAL A 72 -4.50 -8.86 -4.40
CA VAL A 72 -4.54 -7.92 -5.54
C VAL A 72 -4.46 -8.69 -6.86
N HIS A 73 -3.55 -9.66 -6.97
CA HIS A 73 -3.53 -10.54 -8.14
C HIS A 73 -4.88 -11.23 -8.36
N TYR A 74 -5.46 -11.76 -7.28
CA TYR A 74 -6.70 -12.51 -7.43
C TYR A 74 -7.83 -11.62 -7.94
N ILE A 75 -7.93 -10.42 -7.41
CA ILE A 75 -8.96 -9.48 -7.83
C ILE A 75 -8.75 -9.12 -9.30
N ASP A 76 -7.51 -8.86 -9.68
CA ASP A 76 -7.20 -8.53 -11.07
C ASP A 76 -7.57 -9.67 -12.02
N GLU A 77 -7.33 -10.91 -11.57
CA GLU A 77 -7.50 -12.07 -12.43
C GLU A 77 -8.94 -12.56 -12.47
N PHE A 78 -9.65 -12.48 -11.35
CA PHE A 78 -11.04 -12.92 -11.34
C PHE A 78 -11.89 -11.90 -12.06
N TRP A 79 -11.65 -10.63 -11.71
CA TRP A 79 -12.37 -9.58 -12.38
C TRP A 79 -11.57 -9.08 -13.59
N SER A 80 -11.37 -9.99 -14.55
CA SER A 80 -10.45 -9.74 -15.65
C SER A 80 -11.01 -8.79 -16.73
N SER A 81 -12.31 -8.61 -16.79
CA SER A 81 -12.90 -7.71 -17.80
C SER A 81 -12.82 -6.25 -17.39
N GLY A 82 -12.50 -5.99 -16.13
CA GLY A 82 -12.34 -4.62 -15.65
C GLY A 82 -10.95 -4.11 -15.98
N PRO A 83 -10.68 -2.84 -15.64
CA PRO A 83 -9.35 -2.24 -15.88
C PRO A 83 -8.24 -3.11 -15.30
N SER A 84 -7.17 -3.31 -16.05
CA SER A 84 -6.09 -4.21 -15.62
C SER A 84 -5.20 -3.56 -14.57
N ILE A 85 -4.82 -4.33 -13.57
CA ILE A 85 -3.96 -3.80 -12.50
C ILE A 85 -2.48 -4.12 -12.80
N LEU A 86 -2.20 -5.37 -13.13
N LEU A 86 -2.22 -5.38 -13.11
CA LEU A 86 -0.85 -5.75 -13.48
CA LEU A 86 -0.87 -5.81 -13.50
C LEU A 86 -0.54 -5.33 -14.91
C LEU A 86 -0.55 -5.31 -14.91
N PRO A 87 0.73 -5.04 -15.19
CA PRO A 87 1.14 -4.69 -16.56
C PRO A 87 0.85 -5.85 -17.51
N SER A 88 0.78 -5.62 -18.81
CA SER A 88 0.50 -6.72 -19.74
C SER A 88 1.75 -7.50 -20.13
N ASP A 89 2.89 -6.81 -20.18
CA ASP A 89 4.12 -7.45 -20.64
C ASP A 89 4.78 -8.28 -19.53
N PRO A 90 5.23 -9.51 -19.84
CA PRO A 90 5.88 -10.37 -18.83
C PRO A 90 7.03 -9.69 -18.10
N TYR A 91 7.92 -9.00 -18.81
CA TYR A 91 9.03 -8.36 -18.13
C TYR A 91 8.52 -7.24 -17.23
N ASP A 92 7.65 -6.39 -17.75
CA ASP A 92 7.06 -5.32 -16.95
C ASP A 92 6.38 -5.87 -15.70
N ARG A 93 5.68 -6.98 -15.85
N ARG A 93 5.68 -6.99 -15.84
CA ARG A 93 5.00 -7.65 -14.73
CA ARG A 93 5.01 -7.59 -14.70
C ARG A 93 6.01 -8.09 -13.67
C ARG A 93 6.01 -8.10 -13.65
N ALA A 94 7.12 -8.67 -14.11
CA ALA A 94 8.13 -9.18 -13.18
C ALA A 94 8.73 -8.03 -12.38
N ILE A 95 8.96 -6.93 -13.07
CA ILE A 95 9.54 -5.77 -12.45
C ILE A 95 8.57 -5.13 -11.45
N ALA A 96 7.29 -5.01 -11.80
CA ALA A 96 6.32 -4.46 -10.86
C ALA A 96 6.21 -5.36 -9.62
N ARG A 97 6.19 -6.67 -9.85
CA ARG A 97 6.13 -7.62 -8.74
C ARG A 97 7.36 -7.49 -7.86
N PHE A 98 8.50 -7.33 -8.50
CA PHE A 98 9.77 -7.21 -7.77
C PHE A 98 9.77 -6.03 -6.82
N TRP A 99 9.37 -4.86 -7.31
CA TRP A 99 9.42 -3.67 -6.47
C TRP A 99 8.38 -3.72 -5.34
N ALA A 100 7.20 -4.29 -5.59
CA ALA A 100 6.22 -4.47 -4.53
C ALA A 100 6.76 -5.37 -3.43
N ALA A 101 7.46 -6.43 -3.82
CA ALA A 101 8.00 -7.36 -2.82
C ALA A 101 9.11 -6.69 -2.02
N TYR A 102 9.91 -5.88 -2.71
CA TYR A 102 10.95 -5.06 -2.07
C TYR A 102 10.34 -4.12 -1.02
N LEU A 103 9.23 -3.49 -1.38
CA LEU A 103 8.60 -2.52 -0.48
C LEU A 103 8.17 -3.19 0.83
N ASP A 104 7.61 -4.39 0.72
CA ASP A 104 7.14 -5.11 1.88
C ASP A 104 8.27 -5.69 2.71
N GLU A 105 9.30 -6.17 2.02
CA GLU A 105 10.37 -6.89 2.71
C GLU A 105 11.34 -5.94 3.40
N LYS A 106 11.72 -4.88 2.69
CA LYS A 106 12.79 -3.99 3.12
C LYS A 106 12.31 -2.59 3.46
N TRP A 107 11.54 -1.99 2.56
CA TRP A 107 11.30 -0.55 2.67
C TRP A 107 10.39 -0.19 3.82
N TYR A 108 9.22 -0.81 3.86
CA TYR A 108 8.27 -0.48 4.88
C TYR A 108 8.79 -0.74 6.26
N PRO A 109 9.41 -1.92 6.52
CA PRO A 109 10.04 -2.11 7.83
C PRO A 109 11.02 -1.01 8.24
N SER A 110 11.73 -0.43 7.28
CA SER A 110 12.71 0.59 7.62
C SER A 110 12.06 1.90 8.13
N LEU A 111 10.79 2.12 7.81
CA LEU A 111 10.10 3.33 8.30
C LEU A 111 10.00 3.36 9.82
N LYS A 112 9.65 2.21 10.38
CA LYS A 112 9.44 2.02 11.79
C LYS A 112 10.75 2.10 12.57
N GLY A 113 11.85 1.82 11.86
CA GLY A 113 13.17 1.77 12.45
C GLY A 113 13.67 3.10 12.96
N ILE A 114 13.10 4.19 12.45
CA ILE A 114 13.48 5.50 12.92
C ILE A 114 13.02 5.69 14.37
N ALA A 115 11.76 5.38 14.65
CA ALA A 115 11.22 5.48 16.00
C ALA A 115 11.93 4.52 16.97
N SER A 116 12.30 3.34 16.48
CA SER A 116 12.93 2.30 17.30
C SER A 116 14.38 2.59 17.64
N ALA A 117 15.04 3.38 16.80
CA ALA A 117 16.45 3.67 17.00
C ALA A 117 16.69 4.42 18.31
N GLN A 118 17.75 4.03 19.02
CA GLN A 118 18.17 4.74 20.23
C GLN A 118 19.57 5.30 20.02
N GLY A 119 19.74 6.58 20.30
CA GLY A 119 21.03 7.22 20.15
C GLY A 119 21.25 7.79 18.76
N GLU A 120 22.13 8.79 18.68
CA GLU A 120 22.34 9.54 17.46
C GLU A 120 22.82 8.67 16.28
N GLU A 121 23.75 7.76 16.53
CA GLU A 121 24.30 6.97 15.42
C GLU A 121 23.23 6.05 14.84
N ALA A 122 22.40 5.47 15.69
CA ALA A 122 21.33 4.60 15.24
C ALA A 122 20.24 5.40 14.53
N LYS A 123 19.90 6.57 15.07
CA LYS A 123 18.89 7.44 14.48
C LYS A 123 19.33 7.93 13.11
N LYS A 124 20.56 8.44 13.03
CA LYS A 124 21.09 8.91 11.76
C LYS A 124 21.08 7.80 10.73
N ALA A 125 21.47 6.60 11.14
CA ALA A 125 21.49 5.43 10.26
C ALA A 125 20.10 5.11 9.70
N ALA A 126 19.11 5.10 10.57
CA ALA A 126 17.74 4.78 10.17
C ALA A 126 17.15 5.85 9.24
N VAL A 127 17.36 7.13 9.59
CA VAL A 127 16.88 8.24 8.77
C VAL A 127 17.56 8.28 7.40
N ASP A 128 18.88 8.10 7.40
CA ASP A 128 19.65 8.07 6.15
C ASP A 128 19.19 6.93 5.24
N GLN A 129 18.89 5.78 5.82
CA GLN A 129 18.46 4.63 5.04
C GLN A 129 17.15 4.91 4.32
N VAL A 130 16.21 5.54 5.03
CA VAL A 130 14.92 5.86 4.43
C VAL A 130 15.13 6.86 3.29
N GLY A 131 16.00 7.85 3.51
CA GLY A 131 16.32 8.79 2.46
C GLY A 131 16.95 8.13 1.24
N GLU A 132 17.87 7.22 1.48
CA GLU A 132 18.52 6.48 0.37
C GLU A 132 17.49 5.68 -0.41
N SER A 133 16.56 5.04 0.30
CA SER A 133 15.56 4.22 -0.36
C SER A 133 14.56 5.06 -1.17
N LEU A 134 14.23 6.25 -0.68
CA LEU A 134 13.35 7.15 -1.43
C LEU A 134 14.03 7.61 -2.72
N ALA A 135 15.34 7.79 -2.67
CA ALA A 135 16.10 8.14 -3.86
C ALA A 135 16.01 7.01 -4.87
N LEU A 136 16.11 5.78 -4.38
CA LEU A 136 15.97 4.59 -5.22
C LEU A 136 14.56 4.48 -5.80
N ILE A 137 13.56 4.75 -4.98
CA ILE A 137 12.18 4.63 -5.44
C ILE A 137 11.85 5.74 -6.45
N GLU A 138 12.39 6.93 -6.23
CA GLU A 138 12.23 8.03 -7.17
C GLU A 138 12.80 7.66 -8.54
N ASP A 139 14.03 7.15 -8.55
N ASP A 139 14.02 7.12 -8.55
CA ASP A 139 14.67 6.73 -9.79
CA ASP A 139 14.68 6.74 -9.79
C ASP A 139 13.85 5.64 -10.49
C ASP A 139 13.91 5.61 -10.49
N THR A 140 13.35 4.70 -9.69
CA THR A 140 12.56 3.60 -10.22
C THR A 140 11.28 4.13 -10.83
N TYR A 141 10.62 5.04 -10.13
CA TYR A 141 9.44 5.69 -10.70
C TYR A 141 9.73 6.35 -12.04
N VAL A 142 10.82 7.10 -12.13
CA VAL A 142 11.13 7.75 -13.40
C VAL A 142 11.30 6.71 -14.50
N LYS A 143 12.04 5.64 -14.20
N LYS A 143 12.04 5.65 -14.21
CA LYS A 143 12.31 4.59 -15.18
CA LYS A 143 12.28 4.61 -15.20
C LYS A 143 11.06 3.82 -15.61
C LYS A 143 10.99 3.92 -15.63
N LEU A 144 10.18 3.50 -14.67
CA LEU A 144 9.00 2.69 -14.97
C LEU A 144 7.86 3.50 -15.60
N SER A 145 7.66 4.73 -15.12
CA SER A 145 6.50 5.51 -15.56
C SER A 145 6.63 5.99 -17.02
N LYS A 146 7.87 6.15 -17.46
CA LYS A 146 8.15 6.58 -18.83
C LYS A 146 7.41 7.87 -19.19
N GLY A 147 7.33 8.80 -18.23
CA GLY A 147 6.71 10.10 -18.47
C GLY A 147 5.22 10.16 -18.22
N LYS A 148 4.60 8.99 -18.04
N LYS A 148 4.60 8.99 -18.04
CA LYS A 148 3.18 8.90 -17.75
CA LYS A 148 3.17 8.92 -17.76
C LYS A 148 2.91 9.18 -16.26
C LYS A 148 2.91 9.16 -16.26
N PRO A 149 1.67 9.49 -15.89
CA PRO A 149 1.42 9.91 -14.50
C PRO A 149 1.64 8.84 -13.43
N PHE A 150 1.54 7.56 -13.76
CA PHE A 150 1.63 6.51 -12.74
C PHE A 150 2.72 5.48 -13.03
N PHE A 151 3.14 4.74 -11.99
CA PHE A 151 4.01 3.58 -12.22
C PHE A 151 3.41 2.67 -13.30
N GLY A 152 2.10 2.51 -13.26
CA GLY A 152 1.38 1.65 -14.19
C GLY A 152 1.03 2.30 -15.53
N GLY A 153 1.40 3.56 -15.71
CA GLY A 153 1.15 4.24 -16.98
C GLY A 153 0.05 5.27 -16.87
N GLU A 154 -0.96 5.15 -17.73
CA GLU A 154 -2.06 6.12 -17.80
C GLU A 154 -2.97 6.08 -16.57
N LYS A 155 -3.08 4.89 -15.98
CA LYS A 155 -3.95 4.68 -14.82
C LYS A 155 -3.15 4.00 -13.72
N ILE A 156 -3.63 4.07 -12.49
CA ILE A 156 -2.93 3.39 -11.42
C ILE A 156 -2.81 1.89 -11.70
N GLY A 157 -1.66 1.33 -11.36
CA GLY A 157 -1.46 -0.08 -11.54
C GLY A 157 -0.92 -0.71 -10.27
N TYR A 158 -0.52 -1.97 -10.40
CA TYR A 158 0.00 -2.77 -9.30
C TYR A 158 1.00 -2.04 -8.41
N LEU A 159 2.02 -1.44 -9.02
CA LEU A 159 3.07 -0.84 -8.22
C LEU A 159 2.63 0.49 -7.59
N ASP A 160 1.74 1.23 -8.25
CA ASP A 160 1.15 2.42 -7.65
C ASP A 160 0.44 2.04 -6.35
N ILE A 161 -0.32 0.96 -6.41
CA ILE A 161 -1.08 0.50 -5.26
C ILE A 161 -0.13 -0.01 -4.17
N ALA A 162 0.91 -0.73 -4.59
CA ALA A 162 1.82 -1.33 -3.61
C ALA A 162 2.62 -0.27 -2.84
N PHE A 163 3.04 0.79 -3.53
CA PHE A 163 3.78 1.86 -2.86
C PHE A 163 2.84 2.90 -2.25
N GLY A 164 1.86 3.34 -3.02
CA GLY A 164 0.95 4.38 -2.57
C GLY A 164 0.14 4.02 -1.33
N CYS A 165 -0.07 2.74 -1.09
CA CYS A 165 -0.81 2.30 0.09
C CYS A 165 -0.10 2.74 1.39
N PHE A 166 1.19 3.01 1.31
CA PHE A 166 1.96 3.42 2.50
C PHE A 166 2.03 4.92 2.74
N LEU A 167 1.45 5.73 1.87
CA LEU A 167 1.67 7.18 1.93
C LEU A 167 1.16 7.80 3.23
N GLY A 168 0.08 7.26 3.79
CA GLY A 168 -0.42 7.76 5.07
C GLY A 168 0.62 7.56 6.15
N TRP A 169 1.14 6.35 6.26
CA TRP A 169 2.16 6.04 7.27
C TRP A 169 3.47 6.77 7.01
N LEU A 170 3.77 7.02 5.74
CA LEU A 170 4.95 7.82 5.41
C LEU A 170 4.78 9.22 5.98
N ARG A 171 3.59 9.82 5.79
CA ARG A 171 3.37 11.18 6.27
C ARG A 171 3.41 11.25 7.80
N VAL A 172 2.91 10.21 8.45
CA VAL A 172 2.97 10.15 9.91
C VAL A 172 4.42 10.05 10.37
N THR A 173 5.20 9.23 9.68
CA THR A 173 6.61 9.04 10.02
C THR A 173 7.39 10.35 9.81
N GLU A 174 7.05 11.09 8.76
CA GLU A 174 7.67 12.39 8.54
C GLU A 174 7.36 13.34 9.71
N LYS A 175 6.12 13.31 10.18
CA LYS A 175 5.72 14.15 11.30
C LYS A 175 6.49 13.78 12.57
N THR A 176 6.54 12.49 12.89
CA THR A 176 7.16 12.07 14.14
C THR A 176 8.68 12.12 14.09
N SER A 177 9.27 11.89 12.92
CA SER A 177 10.73 11.94 12.81
C SER A 177 11.21 13.37 12.64
N GLY A 178 10.34 14.26 12.19
CA GLY A 178 10.73 15.63 11.92
C GLY A 178 11.56 15.79 10.65
N VAL A 179 11.62 14.73 9.84
CA VAL A 179 12.27 14.77 8.54
C VAL A 179 11.28 14.47 7.41
N LYS A 180 11.23 15.34 6.41
CA LYS A 180 10.41 15.11 5.22
C LYS A 180 11.18 14.29 4.19
N PHE A 181 10.67 13.12 3.80
CA PHE A 181 11.39 12.22 2.90
C PHE A 181 10.92 12.33 1.45
N LEU A 182 9.62 12.47 1.26
CA LEU A 182 9.04 12.57 -0.07
C LEU A 182 8.52 13.99 -0.26
N ASN A 183 9.23 14.79 -1.04
CA ASN A 183 8.83 16.18 -1.28
C ASN A 183 9.39 16.69 -2.60
N GLU A 184 9.12 17.96 -2.92
CA GLU A 184 9.56 18.50 -4.21
C GLU A 184 11.08 18.51 -4.32
N ALA A 185 11.75 18.96 -3.26
CA ALA A 185 13.20 19.11 -3.28
C ALA A 185 13.93 17.78 -3.48
N LYS A 186 13.51 16.75 -2.77
CA LYS A 186 14.24 15.49 -2.74
C LYS A 186 13.76 14.50 -3.78
N THR A 187 12.44 14.46 -4.00
CA THR A 187 11.83 13.47 -4.89
C THR A 187 10.73 14.13 -5.72
N PRO A 188 11.13 15.04 -6.63
CA PRO A 188 10.16 15.88 -7.35
C PRO A 188 9.15 15.05 -8.17
N HIS A 189 9.60 13.94 -8.75
CA HIS A 189 8.68 13.09 -9.52
C HIS A 189 7.65 12.39 -8.64
N LEU A 190 8.12 11.78 -7.55
CA LEU A 190 7.21 11.13 -6.62
C LEU A 190 6.26 12.13 -5.96
N ALA A 191 6.74 13.35 -5.75
CA ALA A 191 5.91 14.40 -5.15
C ALA A 191 4.65 14.68 -5.98
N LYS A 192 4.83 14.81 -7.29
CA LYS A 192 3.69 15.04 -8.19
C LYS A 192 2.83 13.80 -8.28
N TRP A 193 3.47 12.64 -8.35
CA TRP A 193 2.76 11.37 -8.40
C TRP A 193 1.88 11.14 -7.15
N ALA A 194 2.39 11.48 -5.98
CA ALA A 194 1.64 11.18 -4.77
C ALA A 194 0.37 12.03 -4.68
N VAL A 195 0.43 13.28 -5.16
CA VAL A 195 -0.79 14.08 -5.21
C VAL A 195 -1.84 13.44 -6.15
N ARG A 196 -1.39 13.00 -7.33
CA ARG A 196 -2.29 12.38 -8.30
C ARG A 196 -2.88 11.08 -7.77
N PHE A 197 -2.03 10.31 -7.10
CA PHE A 197 -2.47 9.01 -6.57
C PHE A 197 -3.55 9.18 -5.52
N CYS A 198 -3.29 10.04 -4.55
CA CYS A 198 -4.24 10.30 -3.48
C CYS A 198 -5.54 10.93 -3.96
N ALA A 199 -5.50 11.57 -5.13
CA ALA A 199 -6.70 12.18 -5.70
C ALA A 199 -7.51 11.21 -6.56
N ASP A 200 -6.94 10.05 -6.87
CA ASP A 200 -7.63 9.07 -7.68
C ASP A 200 -8.90 8.58 -6.96
N PRO A 201 -10.03 8.48 -7.70
CA PRO A 201 -11.30 8.11 -7.05
C PRO A 201 -11.30 6.73 -6.38
N ALA A 202 -10.41 5.82 -6.80
CA ALA A 202 -10.31 4.51 -6.15
C ALA A 202 -9.51 4.58 -4.84
N VAL A 203 -8.88 5.73 -4.61
CA VAL A 203 -7.94 5.87 -3.49
C VAL A 203 -8.43 6.90 -2.47
N LYS A 204 -9.01 7.99 -2.97
CA LYS A 204 -9.24 9.20 -2.17
C LYS A 204 -9.94 8.94 -0.84
N ASP A 205 -10.97 8.10 -0.82
CA ASP A 205 -11.68 7.91 0.45
C ASP A 205 -11.24 6.68 1.27
N VAL A 206 -10.23 5.94 0.81
CA VAL A 206 -9.74 4.82 1.62
C VAL A 206 -8.34 5.15 2.16
N MET A 207 -7.78 6.26 1.69
CA MET A 207 -6.53 6.80 2.19
C MET A 207 -6.78 7.63 3.44
N PRO A 208 -6.21 7.22 4.59
CA PRO A 208 -6.51 7.93 5.84
C PRO A 208 -5.91 9.32 5.85
N GLU A 209 -6.67 10.28 6.34
CA GLU A 209 -6.13 11.63 6.53
C GLU A 209 -4.98 11.57 7.54
N THR A 210 -3.95 12.38 7.33
CA THR A 210 -2.70 12.22 8.09
C THR A 210 -2.86 12.40 9.61
N GLU A 211 -3.58 13.44 10.04
CA GLU A 211 -3.70 13.71 11.47
C GLU A 211 -4.49 12.61 12.16
N LYS A 212 -5.50 12.06 11.49
CA LYS A 212 -6.27 10.97 12.04
C LYS A 212 -5.39 9.72 12.24
N LEU A 213 -4.58 9.39 11.25
CA LEU A 213 -3.66 8.27 11.37
C LEU A 213 -2.61 8.55 12.46
N ALA A 214 -2.15 9.79 12.53
CA ALA A 214 -1.18 10.17 13.54
C ALA A 214 -1.78 10.02 14.94
N GLU A 215 -3.07 10.32 15.09
CA GLU A 215 -3.73 10.11 16.38
C GLU A 215 -3.81 8.61 16.70
N PHE A 216 -4.14 7.81 15.68
CA PHE A 216 -4.19 6.36 15.87
C PHE A 216 -2.83 5.85 16.32
N ALA A 217 -1.78 6.37 15.70
CA ALA A 217 -0.41 5.97 16.02
C ALA A 217 -0.12 6.20 17.52
N LYS A 218 -0.75 7.21 18.10
CA LYS A 218 -0.62 7.47 19.53
C LYS A 218 -1.38 6.45 20.38
N LEU A 219 -2.62 6.16 19.99
CA LEU A 219 -3.41 5.15 20.66
C LEU A 219 -2.69 3.81 20.64
N LEU A 220 -1.88 3.59 19.61
CA LEU A 220 -1.07 2.38 19.49
C LEU A 220 -0.08 2.30 20.67
N ALA A 221 -0.44 1.47 21.65
CA ALA A 221 0.30 1.33 22.90
C ALA A 221 0.51 2.68 23.61
#